data_2XKX
#
_entry.id   2XKX
#
_cell.length_a   1.000
_cell.length_b   1.000
_cell.length_c   1.000
_cell.angle_alpha   90.00
_cell.angle_beta   90.00
_cell.angle_gamma   90.00
#
_symmetry.space_group_name_H-M   'P 1'
#
_entity_poly.entity_id   1
_entity_poly.type   'polypeptide(L)'
_entity_poly.pdbx_seq_one_letter_code
;MDCLCIVTAKKYRYQDEDTPPLKHSPAHLPNQANSPPVIVNTDTLEAPGYVNGTEGEMEYEEITLERGNSGLGFSIAGGT
DNPHIGDDPSIFITKIIPGGAAAQDGRLRVNDSILFVNEVDVREVTHSAAVEALKEAGSIVRLYVMRRKPPAEKVMEIKL
IKGPKGLGFSIAGGVGNQHIPGDNSIYVTKIIEGGAAHKDGRLQIGDKILAVNSVGLEDVMHEDAVAALKNTYDVVYLKV
AKPSNAYLSDSYAPPDITTSYSQHLDNEISHSSYLGTDYPTAMTPTSPRRYSPVAKDLLGEEDIPREPRRIVIHRGSTGL
GFNIVGGEDGEGIFISFILAGGPADLSGELRKGDQILSVNGVDLRNASHEQAAIALKNAGQTVTIIAQYKPEEYSRFEAK
IHDLREQLMNSSLGSGTASLRSNPKRGFYIRALFDYDKTKDCGFLSQALSFRFGDVLHVIDAGDEEWWQARRVHSDSETD
DIGFIPSKRRVERREWSRLKAKDWGSSSGSQGREDSVLSYETVTQMEVHYARPIIILGPTKDRANDDLLSEFPDKFGSCV
PHTTRPKREYEIDGRDYHFVSSREKMEKDIRAHKFIEAGQYNSHLYGTSVQSVREVAEQGKHCILDVSANAVRRLQAAHL
HPIAIFIRPRSLENVLEINKRITEEQARKAFDRATKLEQEFTECFSAIVEGDSFEEIYHKVKRVIEDLSGPYIWVPARER
L
;
_entity_poly.pdbx_strand_id   A,B
#
# COMPACT_ATOMS: atom_id res chain seq x y z
CA MET A 1 -10.79 28.86 27.69
CA ASP A 2 -12.07 29.39 24.15
CA CYS A 3 -9.84 27.25 21.93
CA LEU A 4 -8.28 30.16 20.03
CA CYS A 5 -7.57 32.09 23.23
CA ILE A 6 -5.93 29.17 25.02
CA VAL A 7 -3.81 28.11 22.04
CA THR A 8 -2.31 31.52 21.28
CA ALA A 9 -0.54 31.24 17.93
CA LYS A 10 1.05 34.58 17.10
CA LYS A 11 0.73 36.19 20.54
CA TYR A 12 2.43 33.28 22.29
CA ARG A 13 5.72 33.11 20.41
CA TYR A 14 6.60 29.75 21.96
CA GLN A 15 8.63 28.69 18.92
CA ASP A 16 12.19 29.93 19.35
CA GLU A 17 10.98 33.07 21.14
CA ASP A 18 11.98 32.78 24.78
CA THR A 19 12.10 36.23 26.37
CA PRO A 20 10.47 35.33 29.68
CA PRO A 21 12.58 36.37 32.65
CA LEU A 22 14.28 32.97 32.69
CA LYS A 23 16.77 34.00 30.02
CA HIS A 24 19.52 31.40 29.81
CA SER A 25 20.95 32.76 26.56
CA PRO A 26 23.53 34.97 28.26
CA ALA A 27 22.19 36.06 31.64
CA HIS A 28 22.38 39.73 30.71
CA LEU A 29 21.50 39.71 27.00
CA PRO A 30 24.81 41.44 26.23
CA ASN A 31 26.18 40.02 29.47
CA GLN A 32 29.95 40.14 29.93
CA ALA A 33 29.93 37.40 32.55
CA ASN A 34 32.90 35.08 33.00
CA SER A 35 33.90 36.49 36.37
CA PRO A 36 36.26 39.25 35.24
CA PRO A 37 35.98 38.30 31.56
CA VAL A 38 36.97 41.76 30.35
CA ILE A 39 39.28 40.42 27.65
CA VAL A 40 39.94 37.32 29.75
CA ASN A 41 43.74 37.36 29.67
CA THR A 42 43.62 33.72 30.77
CA ASP A 43 42.21 31.30 28.21
CA THR A 44 43.03 27.63 28.73
CA LEU A 45 39.68 26.13 27.72
CA GLU A 46 40.03 23.07 29.93
CA ALA A 47 43.55 22.35 28.68
CA PRO A 48 42.81 23.86 25.27
CA GLY A 49 44.23 22.08 22.23
CA TYR A 50 42.97 24.78 19.86
CA VAL A 51 39.34 23.78 20.42
CA ASN A 52 39.94 20.11 21.17
CA GLY A 53 36.90 18.91 23.10
CA THR A 54 34.21 16.77 21.50
CA GLU A 55 32.52 19.33 19.26
CA GLY A 56 28.75 18.86 19.22
CA GLU A 57 27.07 16.86 22.00
CA MET A 58 29.16 13.94 23.24
CA GLU A 59 32.09 14.08 25.66
CA TYR A 60 32.31 11.46 28.42
CA GLU A 61 33.57 12.51 31.86
CA GLU A 62 33.90 10.72 35.21
CA ILE A 63 32.86 12.14 38.60
CA THR A 64 34.04 10.59 41.87
CA LEU A 65 31.29 11.19 44.43
CA GLU A 66 31.23 10.14 48.08
CA ARG A 67 27.70 8.87 48.75
CA GLY A 68 27.08 10.86 51.91
CA ASN A 69 24.50 10.15 54.63
CA SER A 70 21.71 11.51 52.42
CA GLY A 71 23.22 9.92 49.30
CA LEU A 72 25.24 10.94 46.24
CA GLY A 73 23.65 14.39 45.86
CA PHE A 74 22.05 14.65 42.39
CA SER A 75 18.87 13.45 40.66
CA ILE A 76 18.91 11.94 37.17
CA ALA A 77 16.14 11.51 34.62
CA GLY A 78 16.16 9.69 31.27
CA GLY A 79 16.23 5.95 31.96
CA THR A 80 14.24 3.32 30.08
CA ASP A 81 11.26 3.73 32.45
CA ASN A 82 11.30 7.54 32.60
CA PRO A 83 12.26 9.05 29.21
CA HIS A 84 13.30 12.45 30.60
CA ILE A 85 14.59 13.10 27.08
CA GLY A 86 12.47 13.08 23.90
CA ASP A 87 11.74 9.33 24.02
CA ASP A 88 14.82 7.20 24.75
CA PRO A 89 16.55 5.26 27.58
CA SER A 90 19.33 7.91 27.63
CA ILE A 91 19.90 8.54 31.34
CA PHE A 92 20.76 12.19 32.06
CA ILE A 93 20.77 14.35 35.13
CA THR A 94 18.07 16.88 35.94
CA LYS A 95 19.31 18.60 39.11
CA ILE A 96 22.04 18.29 41.73
CA ILE A 97 20.95 18.85 45.32
CA PRO A 98 23.00 21.56 47.15
CA GLY A 99 24.74 20.32 50.28
CA GLY A 100 25.13 16.77 48.98
CA ALA A 101 28.22 14.86 47.87
CA ALA A 102 27.55 15.99 44.29
CA ALA A 103 26.94 19.68 45.09
CA GLN A 104 29.80 19.68 47.62
CA ASP A 105 32.23 18.08 45.18
CA GLY A 106 31.41 20.15 42.12
CA ARG A 107 32.57 17.62 39.54
CA LEU A 108 29.21 16.67 38.00
CA ARG A 109 26.76 18.89 36.14
CA VAL A 110 22.99 18.61 35.54
CA ASN A 111 21.68 17.32 32.20
CA ASP A 112 24.73 15.02 31.94
CA SER A 113 23.74 11.70 30.37
CA ILE A 114 25.04 8.97 32.69
CA LEU A 115 27.21 6.33 31.02
CA PHE A 116 28.48 4.17 33.88
CA VAL A 117 28.24 3.90 37.67
CA ASN A 118 31.41 2.48 39.27
CA GLU A 119 31.11 -0.69 37.13
CA VAL A 120 27.52 -0.51 35.84
CA ASP A 121 26.32 0.34 32.32
CA VAL A 122 23.13 2.39 32.03
CA ARG A 123 22.84 2.10 28.23
CA GLU A 124 19.47 0.34 28.44
CA VAL A 125 18.45 0.63 32.11
CA THR A 126 15.39 2.29 33.65
CA HIS A 127 15.58 5.73 35.25
CA SER A 128 15.24 3.94 38.60
CA ALA A 129 18.00 1.50 37.70
CA ALA A 130 20.28 4.46 36.96
CA VAL A 131 19.24 6.17 40.17
CA GLU A 132 19.74 2.93 42.03
CA ALA A 133 23.21 2.82 40.42
CA LEU A 134 24.15 6.04 42.18
CA LYS A 135 22.76 4.50 45.40
CA GLU A 136 24.56 1.20 44.74
CA ALA A 137 27.86 2.96 43.97
CA GLY A 138 28.98 2.30 47.56
CA SER A 139 30.37 5.62 48.75
CA ILE A 140 32.92 7.49 46.64
CA VAL A 141 31.96 6.34 43.13
CA ARG A 142 33.31 7.54 39.79
CA LEU A 143 30.19 8.20 37.74
CA TYR A 144 30.41 8.57 33.97
CA VAL A 145 28.27 11.04 32.01
CA MET A 146 27.78 12.44 28.49
CA ARG A 147 27.91 16.11 27.48
CA ARG A 148 27.45 17.23 23.86
CA LYS A 149 24.72 19.37 22.28
CA PRO A 150 25.00 20.32 18.61
CA PRO A 151 25.83 17.41 16.33
CA ALA A 152 22.30 16.10 15.77
CA GLU A 153 23.04 15.95 12.04
CA LYS A 154 20.49 14.58 9.57
CA VAL A 155 19.13 11.42 11.16
CA MET A 156 16.58 9.45 9.13
CA GLU A 157 15.19 5.92 9.46
CA ILE A 158 14.84 3.44 6.59
CA LYS A 159 11.75 1.23 6.67
CA LEU A 160 11.94 -2.08 4.82
CA ILE A 161 9.90 -5.25 5.26
CA LYS A 162 11.54 -8.60 5.99
CA GLY A 163 11.47 -10.04 2.48
CA PRO A 164 10.61 -13.75 2.07
CA LYS A 165 14.31 -14.31 1.41
CA GLY A 166 15.46 -12.23 4.39
CA LEU A 167 16.20 -8.53 4.78
CA GLY A 168 17.12 -8.10 1.14
CA PHE A 169 20.61 -6.66 1.53
CA SER A 170 23.98 -6.94 3.27
CA ILE A 171 25.88 -5.04 5.97
CA ALA A 172 29.50 -4.13 6.62
CA GLY A 173 31.19 -4.00 10.01
CA GLY A 174 33.68 -1.40 11.04
CA VAL A 175 34.78 -3.12 14.26
CA GLY A 176 37.11 -6.10 13.89
CA ASN A 177 36.24 -6.69 10.26
CA GLN A 178 36.47 -3.06 9.20
CA HIS A 179 34.84 -2.88 5.78
CA ILE A 180 34.78 0.93 5.81
CA PRO A 181 38.26 2.59 5.81
CA GLY A 182 37.75 4.88 8.80
CA ASP A 183 34.38 3.87 10.28
CA ASN A 184 33.74 1.60 13.26
CA SER A 185 29.97 1.53 12.63
CA ILE A 186 27.66 -0.31 10.22
CA TYR A 187 27.54 0.42 6.50
CA VAL A 188 25.56 -1.24 3.75
CA THR A 189 27.63 -3.13 1.16
CA LYS A 190 25.08 -5.05 -0.94
CA ILE A 191 21.43 -4.62 -1.92
CA ILE A 192 19.23 -7.28 -3.50
CA GLU A 193 17.86 -5.93 -6.81
CA GLY A 194 14.39 -4.75 -5.82
CA GLY A 195 14.36 -7.48 -3.18
CA ALA A 196 13.08 -6.04 0.09
CA ALA A 197 15.59 -3.58 1.55
CA HIS A 198 16.26 -1.92 -1.81
CA LYS A 199 12.61 -1.37 -2.80
CA ASP A 200 11.12 -0.95 0.69
CA GLY A 201 14.14 0.51 2.47
CA ARG A 202 15.42 2.48 -0.52
CA LEU A 203 18.89 2.02 0.99
CA GLN A 204 22.01 1.70 -1.16
CA ILE A 205 25.65 0.75 -0.59
CA GLY A 206 27.12 3.57 1.49
CA ASP A 207 24.47 4.29 4.13
CA LYS A 208 25.57 4.15 7.77
CA ILE A 209 23.34 2.23 10.18
CA LEU A 210 23.16 2.78 13.94
CA ALA A 211 20.10 0.64 14.71
CA VAL A 212 17.73 -1.94 13.23
CA ASN A 213 14.08 -2.21 14.29
CA SER A 214 14.86 -2.00 18.02
CA VAL A 215 18.38 -3.47 18.19
CA GLY A 216 21.60 -1.51 18.52
CA LEU A 217 24.36 -2.97 16.35
CA GLU A 218 26.65 -0.04 16.98
CA ASP A 219 30.26 -0.02 18.17
CA VAL A 220 30.28 -3.69 17.20
CA MET A 221 31.63 -5.91 14.42
CA HIS A 222 29.94 -7.00 11.22
CA GLU A 223 28.98 -10.35 12.81
CA ASP A 224 27.10 -8.92 15.81
CA ALA A 225 25.30 -6.52 13.49
CA VAL A 226 24.13 -9.47 11.38
CA ALA A 227 22.54 -10.92 14.50
CA ALA A 228 20.98 -7.51 15.12
CA LEU A 229 19.22 -7.67 11.75
CA LYS A 230 18.05 -11.24 12.27
CA ASN A 231 16.49 -10.15 15.55
CA THR A 232 14.11 -7.97 13.50
CA TYR A 233 10.67 -9.11 12.36
CA ASP A 234 7.98 -8.33 9.69
CA VAL A 235 8.80 -4.65 9.16
CA VAL A 236 12.42 -3.69 9.73
CA TYR A 237 13.22 -0.03 10.23
CA LEU A 238 16.87 1.00 10.41
CA LYS A 239 18.23 4.25 11.79
CA VAL A 240 20.66 6.02 9.48
CA ALA A 241 22.43 9.38 9.73
CA LYS A 242 23.35 11.40 6.64
CA PRO A 243 26.67 13.30 7.13
CA SER A 244 26.45 16.78 5.59
CA ASN A 245 24.68 17.38 2.28
CA ALA A 246 27.17 17.55 -0.60
CA TYR A 247 29.33 20.45 -1.76
CA LEU A 248 29.03 17.62 0.75
CA SER A 249 32.09 16.43 2.66
CA ASP A 250 30.13 14.28 5.09
CA SER A 251 27.37 12.29 3.39
CA TYR A 252 24.17 14.28 3.88
CA ALA A 253 20.67 12.82 3.53
CA PRO A 254 18.61 12.51 0.35
CA PRO A 255 16.12 12.62 -2.51
CA ASP A 256 17.72 15.30 -4.65
CA ILE A 257 18.47 12.65 -7.27
CA THR A 258 15.18 11.56 -8.85
CA THR A 259 13.19 13.91 -6.63
CA SER A 260 10.00 13.30 -8.60
CA TYR A 261 7.04 14.09 -6.35
CA SER A 262 4.74 11.09 -6.00
CA GLN A 263 1.82 13.51 -5.99
CA HIS A 264 0.49 14.58 -9.38
CA LEU A 265 0.43 18.19 -8.22
CA ASP A 266 3.57 19.50 -6.52
CA ASN A 267 6.39 20.05 -9.02
CA GLU A 268 4.54 22.81 -10.87
CA ILE A 269 4.24 26.34 -9.52
CA SER A 270 2.95 26.38 -5.95
CA HIS A 271 -0.07 24.28 -6.91
CA SER A 272 -2.43 25.23 -4.09
CA SER A 273 -4.96 27.61 -5.63
CA TYR A 274 -7.92 25.65 -4.25
CA LEU A 275 -8.64 28.39 -1.72
CA GLY A 276 -8.15 31.45 -3.93
CA THR A 277 -10.24 30.19 -6.83
CA ASP A 278 -12.45 27.32 -5.67
CA TYR A 279 -15.60 26.40 -7.58
CA PRO A 280 -17.49 25.42 -4.43
CA THR A 281 -18.02 21.69 -3.98
CA ALA A 282 -21.45 20.33 -3.09
CA MET A 283 -19.70 18.19 -0.49
CA THR A 284 -21.77 18.98 2.59
CA PRO A 285 -23.08 15.43 2.93
CA THR A 286 -22.79 12.49 5.33
CA SER A 287 -25.28 10.64 3.14
CA PRO A 288 -24.94 6.86 2.97
CA ARG A 289 -23.52 4.51 5.60
CA ARG A 290 -20.45 4.00 3.43
CA TYR A 291 -22.11 0.83 2.13
CA SER A 292 -24.21 0.38 5.27
CA PRO A 293 -21.13 -1.29 6.73
CA VAL A 294 -20.93 -2.45 10.34
CA ALA A 295 -17.20 -2.15 9.72
CA LYS A 296 -14.69 0.20 11.33
CA ASP A 297 -11.34 1.73 12.28
CA LEU A 298 -12.06 -0.28 9.15
CA LEU A 299 -12.36 0.17 5.39
CA GLY A 300 -15.59 -1.18 6.82
CA GLU A 301 -17.64 -0.54 3.73
CA GLU A 302 -15.20 -2.19 1.31
CA ASP A 303 -16.28 -5.67 0.29
CA ILE A 304 -14.36 -8.52 1.97
CA PRO A 305 -12.60 -10.49 -0.86
CA ARG A 306 -14.25 -13.86 -1.65
CA GLU A 307 -11.43 -15.38 -3.75
CA PRO A 308 -9.23 -18.13 -2.27
CA ARG A 309 -6.00 -17.02 -0.56
CA ARG A 310 -2.80 -18.62 0.61
CA ILE A 311 -1.77 -17.98 4.22
CA VAL A 312 1.55 -19.21 5.64
CA ILE A 313 1.84 -19.38 9.42
CA HIS A 314 5.15 -20.30 11.09
CA ARG A 315 4.20 -21.49 14.57
CA GLY A 316 7.00 -23.86 15.63
CA SER A 317 5.53 -26.26 18.19
CA THR A 318 2.78 -23.95 19.49
CA GLY A 319 -0.91 -23.83 18.70
CA LEU A 320 -2.27 -21.98 15.70
CA GLY A 321 -4.57 -19.93 17.88
CA PHE A 322 -7.98 -20.40 16.26
CA ASN A 323 -10.99 -22.64 16.65
CA ILE A 324 -12.98 -24.47 13.95
CA VAL A 325 -16.62 -25.45 13.49
CA GLY A 326 -18.17 -27.74 10.88
CA GLY A 327 -17.12 -31.07 9.43
CA GLU A 328 -20.48 -32.85 9.48
CA ASP A 329 -21.40 -34.53 6.20
CA GLY A 330 -19.05 -32.41 4.09
CA GLU A 331 -20.46 -29.02 5.24
CA GLY A 332 -16.90 -27.63 5.36
CA ILE A 333 -14.47 -26.54 8.10
CA PHE A 334 -14.78 -22.85 9.22
CA ILE A 335 -12.79 -20.56 11.45
CA SER A 336 -15.08 -19.49 14.32
CA PHE A 337 -12.73 -17.70 16.75
CA ILE A 338 -9.26 -16.28 16.49
CA LEU A 339 -7.28 -15.84 19.70
CA ALA A 340 -5.88 -12.35 20.28
CA GLY A 341 -2.08 -12.57 20.11
CA GLY A 342 -1.90 -16.09 18.71
CA PRO A 343 -0.14 -17.08 15.48
CA ALA A 344 -3.31 -16.87 13.38
CA ASP A 345 -3.97 -13.33 14.69
CA LEU A 346 -0.33 -12.28 14.08
CA SER A 347 -0.67 -13.43 10.41
CA GLY A 348 -3.31 -10.74 9.85
CA GLU A 349 -4.67 -12.89 7.02
CA LEU A 350 -7.47 -15.07 8.55
CA ARG A 351 -10.89 -14.10 9.87
CA LYS A 352 -14.02 -15.66 11.37
CA GLY A 353 -16.08 -17.11 8.55
CA ASP A 354 -13.15 -18.25 6.46
CA GLN A 355 -13.46 -21.83 5.15
CA ILE A 356 -10.25 -23.85 5.37
CA LEU A 357 -9.94 -25.43 1.88
CA SER A 358 -6.60 -27.14 2.56
CA VAL A 359 -3.65 -27.43 4.97
CA ASN A 360 -0.21 -28.28 3.54
CA GLY A 361 -1.88 -29.42 0.33
CA VAL A 362 -4.29 -31.70 2.14
CA ASP A 363 -7.85 -30.95 0.91
CA LEU A 364 -10.22 -30.31 3.82
CA ARG A 365 -13.32 -29.23 1.90
CA ASN A 366 -14.99 -32.50 2.82
CA ALA A 367 -13.16 -33.32 6.02
CA SER A 368 -14.69 -34.49 9.24
CA HIS A 369 -14.32 -32.22 12.30
CA GLU A 370 -11.86 -34.51 14.12
CA GLN A 371 -9.67 -35.31 11.09
CA ALA A 372 -9.52 -31.55 10.26
CA ALA A 373 -8.37 -30.82 13.79
CA ILE A 374 -5.76 -33.62 13.55
CA ALA A 375 -4.54 -32.30 10.20
CA LEU A 376 -4.10 -28.84 11.64
CA LYS A 377 -2.40 -29.92 14.86
CA ASN A 378 -0.05 -32.28 12.97
CA ALA A 379 0.69 -30.06 10.03
CA GLY A 380 4.19 -29.22 11.30
CA GLN A 381 5.99 -26.05 12.13
CA THR A 382 5.12 -24.21 8.90
CA VAL A 383 1.43 -24.36 8.10
CA THR A 384 0.24 -23.35 4.61
CA ILE A 385 -3.54 -22.78 4.60
CA ILE A 386 -5.70 -22.11 1.59
CA ALA A 387 -8.73 -20.21 2.90
CA GLN A 388 -11.86 -18.72 1.32
CA TYR A 389 -14.28 -16.37 2.96
CA LYS A 390 -17.79 -17.90 3.11
CA PRO A 391 -19.85 -15.80 5.50
CA GLU A 392 -23.29 -17.06 4.47
CA GLU A 393 -22.35 -20.65 5.12
CA TYR A 394 -20.61 -19.67 8.36
CA SER A 395 -23.55 -17.58 9.58
CA ARG A 396 -25.73 -20.72 9.73
CA PHE A 397 -23.63 -22.03 12.64
CA GLU A 398 -23.65 -18.95 14.92
CA ALA A 399 -26.77 -17.79 16.67
CA LYS A 400 -24.71 -18.99 13.70
CA ILE A 401 -23.06 -21.66 15.85
CA HIS A 402 -22.67 -21.81 19.63
CA ASP A 403 -18.96 -22.24 18.98
CA LEU A 404 -17.41 -18.95 20.04
CA ARG A 405 -14.04 -20.05 18.67
CA GLU A 406 -15.62 -16.70 19.46
CA GLN A 407 -13.48 -16.62 22.60
CA LEU A 408 -11.19 -14.05 21.00
CA MET A 409 -10.65 -10.89 23.06
CA ASN A 410 -6.99 -11.45 23.90
CA SER A 411 -5.42 -8.44 22.19
CA SER A 412 -1.84 -7.29 21.70
CA LEU A 413 -0.87 -4.41 19.41
CA GLY A 414 -0.52 -7.19 16.82
CA SER A 415 -4.23 -7.16 16.03
CA GLY A 416 -4.23 -4.65 13.18
CA THR A 417 -5.42 -6.88 10.33
CA ALA A 418 -7.04 -5.00 7.45
CA SER A 419 -5.69 -5.70 3.98
CA LEU A 420 -6.03 -9.08 2.27
CA ARG A 421 -6.35 -10.25 -1.32
CA SER A 422 -8.71 -12.54 -3.24
CA ASN A 423 -11.85 -12.14 -5.34
CA PRO A 424 -13.40 -11.27 -8.70
CA LYS A 425 -13.91 -12.68 -12.20
CA ARG A 426 -14.18 -16.30 -13.32
CA GLY A 427 -16.65 -19.18 -13.21
CA PHE A 428 -17.89 -15.60 -13.02
CA TYR A 429 -17.69 -12.20 -14.70
CA ILE A 430 -16.00 -8.94 -13.81
CA ARG A 431 -15.54 -5.61 -15.58
CA ALA A 432 -12.11 -3.95 -15.74
CA LEU A 433 -11.92 -0.45 -14.28
CA PHE A 434 -8.41 0.28 -15.53
CA ASP A 435 -6.15 -0.46 -18.52
CA TYR A 436 -3.64 -3.30 -18.23
CA ASP A 437 -0.81 -4.44 -20.52
CA LYS A 438 2.28 -5.81 -18.80
CA THR A 439 4.17 -6.52 -22.02
CA LYS A 440 3.66 -2.98 -23.33
CA ASP A 441 4.59 -1.61 -19.92
CA CYS A 442 7.86 -3.45 -19.24
CA GLY A 443 8.47 -5.79 -22.18
CA PHE A 444 7.80 -8.89 -20.08
CA LEU A 445 6.22 -11.73 -22.08
CA SER A 446 3.87 -14.06 -20.24
CA GLN A 447 0.39 -15.55 -20.18
CA ALA A 448 -0.93 -12.36 -18.58
CA LEU A 449 -3.93 -11.00 -20.49
CA SER A 450 -4.08 -7.39 -21.58
CA PHE A 451 -7.31 -5.42 -21.31
CA ARG A 452 -8.73 -1.90 -21.24
CA PHE A 453 -11.23 -0.02 -19.14
CA GLY A 454 -14.72 -1.42 -19.56
CA ASP A 455 -13.74 -4.86 -20.79
CA VAL A 456 -15.87 -7.67 -19.36
CA LEU A 457 -13.72 -10.62 -18.31
CA HIS A 458 -14.83 -14.20 -17.81
CA VAL A 459 -12.92 -15.45 -14.77
CA ILE A 460 -12.39 -19.21 -14.95
CA ASP A 461 -10.39 -19.68 -11.76
CA ALA A 462 -9.85 -17.14 -8.98
CA GLY A 463 -8.62 -19.49 -6.28
CA ASP A 464 -5.18 -17.91 -6.18
CA GLU A 465 -4.88 -14.63 -4.27
CA GLU A 466 -2.57 -13.00 -6.82
CA TRP A 467 -3.36 -14.21 -10.33
CA TRP A 468 -6.73 -15.25 -11.78
CA GLN A 469 -7.33 -17.27 -14.95
CA ALA A 470 -9.60 -15.39 -17.35
CA ARG A 471 -10.52 -14.57 -20.93
CA ARG A 472 -11.94 -11.40 -22.45
CA VAL A 473 -15.62 -11.47 -23.40
CA HIS A 474 -15.86 -10.31 -27.02
CA SER A 475 -18.98 -8.84 -28.61
CA ASP A 476 -19.31 -12.21 -30.35
CA SER A 477 -16.68 -14.86 -29.53
CA GLU A 478 -16.10 -15.17 -25.78
CA THR A 479 -13.45 -17.82 -26.43
CA ASP A 480 -10.14 -16.49 -27.71
CA ASP A 481 -7.24 -16.81 -25.27
CA ILE A 482 -7.26 -17.89 -21.62
CA GLY A 483 -4.71 -15.85 -19.73
CA PHE A 484 -4.02 -14.42 -16.30
CA ILE A 485 -5.04 -11.14 -14.71
CA PRO A 486 -3.80 -9.57 -11.48
CA SER A 487 -6.17 -10.03 -8.54
CA LYS A 488 -7.90 -7.11 -6.84
CA ARG A 489 -5.46 -7.62 -3.94
CA ARG A 490 -2.44 -7.41 -6.26
CA VAL A 491 -3.74 -4.30 -8.04
CA GLU A 492 -4.38 -2.56 -4.72
CA ARG A 493 -0.98 -3.48 -3.29
CA ARG A 494 0.79 -2.07 -6.36
CA GLU A 495 -1.16 1.19 -6.32
CA TRP A 496 -0.70 1.81 -2.59
CA SER A 497 3.02 1.19 -3.03
CA ARG A 498 3.32 4.48 -4.93
CA LEU A 499 3.74 8.04 -3.59
CA LYS A 500 3.01 8.70 0.09
CA ALA A 501 1.33 10.23 3.14
CA LYS A 502 0.03 13.76 3.64
CA ASP A 503 2.83 13.84 6.21
CA TRP A 504 6.01 15.93 6.23
CA GLY A 505 4.84 17.44 2.96
CA SER A 506 3.09 20.61 4.14
CA SER A 507 0.79 18.48 6.31
CA SER A 508 -1.82 20.69 7.96
CA GLY A 509 -2.60 17.83 10.31
CA SER A 510 -5.97 17.11 8.71
CA GLN A 511 -6.85 13.81 7.03
CA GLY A 512 -6.37 13.60 3.28
CA ARG A 513 -8.83 12.19 0.74
CA GLU A 514 -9.67 8.54 1.40
CA ASP A 515 -7.45 6.09 -0.48
CA SER A 516 -9.51 4.40 -3.20
CA VAL A 517 -8.14 1.91 -5.70
CA LEU A 518 -10.25 0.84 -8.64
CA SER A 519 -9.59 -2.65 -9.98
CA TYR A 520 -12.65 -4.65 -11.01
CA GLU A 521 -16.41 -4.75 -10.54
CA THR A 522 -18.38 -8.00 -10.58
CA VAL A 523 -21.06 -8.01 -13.27
CA THR A 524 -23.86 -10.17 -14.58
CA GLN A 525 -25.72 -10.29 -17.88
CA MET A 526 -29.40 -9.43 -17.96
CA GLU A 527 -32.02 -8.82 -20.63
CA VAL A 528 -33.61 -5.39 -20.88
CA HIS A 529 -36.79 -4.41 -22.70
CA TYR A 530 -36.23 -0.63 -22.63
CA ALA A 531 -33.86 1.67 -24.50
CA ARG A 532 -30.99 2.62 -22.21
CA PRO A 533 -30.74 6.32 -21.36
CA ILE A 534 -27.55 8.00 -22.51
CA ILE A 535 -25.17 10.22 -20.53
CA ILE A 536 -22.26 11.67 -22.52
CA LEU A 537 -19.60 13.41 -20.42
CA GLY A 538 -16.43 15.41 -21.07
CA PRO A 539 -15.48 18.02 -23.70
CA THR A 540 -17.77 18.27 -26.77
CA LYS A 541 -20.54 16.32 -25.05
CA ASP A 542 -23.06 19.01 -26.10
CA ARG A 543 -22.17 18.68 -29.77
CA ALA A 544 -22.36 14.89 -29.52
CA ASN A 545 -25.78 15.17 -27.86
CA ASP A 546 -27.12 17.60 -30.47
CA ASP A 547 -25.78 15.57 -33.39
CA LEU A 548 -27.24 12.27 -32.17
CA LEU A 549 -30.62 13.95 -31.56
CA SER A 550 -30.53 15.57 -34.98
CA GLU A 551 -29.11 12.65 -36.95
CA PHE A 552 -31.27 9.84 -35.53
CA PRO A 553 -34.62 11.36 -34.42
CA ASP A 554 -36.33 7.96 -34.21
CA LYS A 555 -33.60 6.55 -31.96
CA PHE A 556 -32.82 9.43 -29.60
CA GLY A 557 -34.88 11.97 -27.74
CA SER A 558 -34.88 14.19 -24.65
CA CYS A 559 -37.20 13.96 -21.66
CA VAL A 560 -39.48 16.68 -20.30
CA PRO A 561 -38.01 18.41 -17.21
CA HIS A 562 -39.94 19.78 -14.23
CA THR A 563 -39.75 23.35 -12.99
CA THR A 564 -41.46 25.49 -10.33
CA ARG A 565 -41.02 28.54 -12.55
CA PRO A 566 -44.41 29.90 -13.66
CA LYS A 567 -45.45 28.90 -17.18
CA ARG A 568 -44.90 31.64 -19.74
CA GLU A 569 -47.47 32.62 -22.37
CA TYR A 570 -45.71 30.82 -25.23
CA GLU A 571 -44.88 27.65 -23.27
CA ILE A 572 -46.85 24.41 -23.15
CA ASP A 573 -47.27 22.39 -19.95
CA GLY A 574 -46.10 18.84 -20.55
CA ARG A 575 -43.93 19.78 -23.54
CA ASP A 576 -41.54 22.60 -22.65
CA TYR A 577 -41.67 21.63 -18.97
CA HIS A 578 -43.95 19.92 -16.49
CA PHE A 579 -44.82 23.05 -14.53
CA VAL A 580 -45.19 22.38 -10.81
CA SER A 581 -47.50 24.81 -9.02
CA SER A 582 -46.19 23.96 -5.55
CA ARG A 583 -42.49 24.46 -4.92
CA GLU A 584 -43.05 22.73 -1.58
CA LYS A 585 -44.15 19.55 -3.35
CA MET A 586 -41.15 19.47 -5.68
CA GLU A 587 -38.77 19.99 -2.78
CA LYS A 588 -40.46 17.01 -1.13
CA ASP A 589 -40.23 14.95 -4.31
CA ILE A 590 -36.54 15.82 -4.57
CA ARG A 591 -35.92 14.74 -0.97
CA ALA A 592 -37.82 11.55 -1.84
CA HIS A 593 -35.23 11.13 -4.62
CA LYS A 594 -37.85 11.29 -7.41
CA PHE A 595 -35.37 13.17 -9.63
CA ILE A 596 -32.14 11.73 -11.01
CA GLU A 597 -30.87 15.30 -10.91
CA ALA A 598 -32.17 18.71 -9.87
CA GLY A 599 -31.02 22.24 -9.12
CA GLN A 600 -31.99 25.86 -8.69
CA TYR A 601 -31.79 28.69 -11.22
CA ASN A 602 -33.12 32.25 -10.89
CA SER A 603 -34.69 31.19 -7.60
CA HIS A 604 -36.72 28.42 -9.23
CA LEU A 605 -36.28 24.64 -9.08
CA TYR A 606 -35.60 22.45 -12.12
CA GLY A 607 -35.15 18.71 -12.42
CA THR A 608 -35.12 15.57 -14.54
CA SER A 609 -37.51 13.05 -13.02
CA VAL A 610 -37.01 9.31 -12.96
CA GLN A 611 -40.50 9.00 -14.42
CA SER A 612 -39.82 11.35 -17.34
CA VAL A 613 -36.73 9.34 -18.28
CA ARG A 614 -38.62 6.07 -17.91
CA GLU A 615 -41.39 7.21 -20.26
CA VAL A 616 -38.88 7.80 -23.04
CA ALA A 617 -37.00 4.58 -22.26
CA GLU A 618 -40.07 2.35 -22.28
CA GLN A 619 -41.14 3.72 -25.67
CA GLY A 620 -37.92 2.31 -27.11
CA LYS A 621 -36.05 5.60 -27.52
CA HIS A 622 -32.62 6.33 -26.02
CA CYS A 623 -33.02 9.34 -23.74
CA ILE A 624 -30.17 11.78 -24.23
CA LEU A 625 -29.53 13.18 -20.76
CA ASP A 626 -27.78 16.43 -19.96
CA VAL A 627 -26.90 15.42 -16.39
CA SER A 628 -23.73 14.76 -14.39
CA ALA A 629 -22.18 11.36 -13.70
CA ASN A 630 -23.88 11.62 -10.29
CA ALA A 631 -27.12 10.48 -11.98
CA VAL A 632 -25.82 7.03 -12.91
CA ARG A 633 -26.35 5.48 -9.48
CA ARG A 634 -29.94 6.75 -9.26
CA LEU A 635 -30.74 5.49 -12.75
CA GLN A 636 -29.27 2.10 -11.86
CA ALA A 637 -31.46 2.03 -8.75
CA ALA A 638 -34.47 2.82 -10.98
CA HIS A 639 -33.63 -0.11 -13.23
CA LEU A 640 -32.89 2.22 -16.16
CA HIS A 641 -29.23 1.34 -16.62
CA PRO A 642 -27.64 4.19 -18.63
CA ILE A 643 -24.85 4.09 -21.15
CA ALA A 644 -22.46 6.62 -19.62
CA ILE A 645 -19.67 7.58 -22.00
CA PHE A 646 -16.74 9.73 -20.94
CA ILE A 647 -14.97 11.62 -23.74
CA ARG A 648 -11.43 11.78 -22.37
CA PRO A 649 -9.06 14.48 -23.63
CA ARG A 650 -5.48 13.20 -23.83
CA SER A 651 -3.96 16.60 -23.20
CA LEU A 652 -4.66 20.32 -23.36
CA GLU A 653 -3.66 20.29 -27.03
CA ASN A 654 -5.98 17.34 -27.73
CA VAL A 655 -8.86 19.44 -26.41
CA LEU A 656 -8.09 22.04 -29.07
CA GLU A 657 -8.05 19.24 -31.66
CA ILE A 658 -11.58 18.06 -30.86
CA ASN A 659 -13.11 21.44 -29.98
CA LYS A 660 -11.66 24.14 -32.24
CA ARG A 661 -14.47 26.57 -31.43
CA ILE A 662 -13.23 27.61 -27.99
CA THR A 663 -10.40 29.75 -26.65
CA GLU A 664 -7.25 28.13 -25.25
CA GLU A 665 -8.22 29.69 -21.93
CA GLN A 666 -11.50 27.79 -21.59
CA ALA A 667 -9.63 24.81 -23.04
CA ARG A 668 -7.50 24.76 -19.90
CA LYS A 669 -10.65 24.70 -17.76
CA ALA A 670 -12.19 21.95 -19.90
CA PHE A 671 -9.08 19.77 -19.54
CA ASP A 672 -8.97 20.28 -15.77
CA ARG A 673 -12.68 19.70 -15.36
CA ALA A 674 -12.22 16.48 -17.34
CA THR A 675 -9.28 15.34 -15.22
CA LYS A 676 -11.34 15.91 -12.07
CA LEU A 677 -14.39 14.19 -13.54
CA GLU A 678 -12.36 11.06 -14.34
CA GLN A 679 -10.77 11.08 -10.89
CA GLU A 680 -14.15 11.11 -9.14
CA PHE A 681 -16.48 9.12 -11.40
CA THR A 682 -14.48 6.51 -13.33
CA GLU A 683 -16.40 3.61 -11.77
CA CYS A 684 -19.67 5.06 -13.13
CA PHE A 685 -18.49 5.16 -16.76
CA SER A 686 -19.74 2.49 -19.16
CA ALA A 687 -16.94 3.42 -21.54
CA ILE A 688 -14.22 5.96 -22.19
CA VAL A 689 -13.54 7.21 -25.72
CA GLU A 690 -10.62 9.19 -27.16
CA GLY A 691 -9.84 10.65 -30.57
CA ASP A 692 -7.76 13.13 -32.58
CA SER A 693 -10.90 14.87 -33.82
CA PHE A 694 -14.55 15.28 -32.94
CA GLU A 695 -15.39 13.19 -35.99
CA GLU A 696 -13.42 10.29 -34.48
CA ILE A 697 -15.08 10.79 -31.08
CA TYR A 698 -18.57 10.93 -32.59
CA HIS A 699 -17.90 7.73 -34.53
CA LYS A 700 -16.75 5.95 -31.37
CA VAL A 701 -19.71 7.24 -29.35
CA LYS A 702 -22.09 5.77 -31.90
CA ARG A 703 -20.23 2.43 -31.78
CA VAL A 704 -20.28 2.27 -27.97
CA ILE A 705 -24.03 2.90 -27.94
CA GLU A 706 -24.51 0.18 -30.56
CA ASP A 707 -22.39 -2.26 -28.53
CA LEU A 708 -24.13 -1.62 -25.20
CA SER A 709 -27.74 -1.11 -26.30
CA GLY A 710 -28.77 -4.73 -25.71
CA PRO A 711 -31.05 -6.67 -25.54
CA TYR A 712 -28.46 -8.29 -23.26
CA ILE A 713 -26.35 -5.97 -21.12
CA TRP A 714 -23.91 -6.23 -18.21
CA VAL A 715 -24.89 -4.72 -14.89
CA PRO A 716 -23.25 -4.78 -11.44
CA ALA A 717 -23.63 -8.12 -9.64
CA ARG A 718 -24.08 -8.86 -5.95
CA GLU A 719 -21.03 -11.16 -5.78
CA ARG A 720 -18.06 -9.59 -3.99
CA LEU A 721 -14.36 -10.11 -4.75
CA MET B 1 43.40 -16.21 18.89
CA ASP B 2 39.88 -14.80 18.61
CA CYS B 3 38.97 -16.00 22.10
CA LEU B 4 41.84 -14.11 23.69
CA CYS B 5 41.36 -10.96 21.61
CA ILE B 6 43.98 -8.87 23.41
CA VAL B 7 41.53 -6.04 24.05
CA THR B 8 38.78 -8.44 25.11
CA ALA B 9 40.68 -9.94 28.02
CA LYS B 10 41.80 -6.54 29.29
CA LYS B 11 38.45 -4.88 28.62
CA TYR B 12 36.28 -7.40 30.47
CA ARG B 13 38.46 -7.17 33.58
CA TYR B 14 39.61 -3.63 34.34
CA GLN B 15 37.10 -1.09 33.07
CA ASP B 16 35.83 -0.03 36.49
CA GLU B 17 35.66 -3.57 37.87
CA ASP B 18 31.86 -3.64 37.76
CA THR B 19 31.73 -0.17 36.21
CA PRO B 20 29.41 0.97 39.00
CA PRO B 21 31.40 -0.36 41.95
CA LEU B 22 29.95 -3.86 41.62
CA LYS B 23 28.94 -4.04 45.27
CA HIS B 24 26.86 -0.87 45.08
CA SER B 25 24.98 -1.93 41.95
CA PRO B 26 23.43 -5.08 43.43
CA ALA B 27 20.76 -6.35 41.05
CA HIS B 28 17.46 -7.16 42.75
CA LEU B 29 18.92 -7.78 46.20
CA PRO B 30 21.57 -10.27 45.10
CA ASN B 31 22.59 -9.94 41.45
CA GLN B 32 19.73 -12.03 40.06
CA ALA B 33 20.86 -15.12 38.16
CA ASN B 34 18.12 -14.65 35.56
CA SER B 35 14.83 -15.47 37.27
CA PRO B 36 15.36 -19.09 36.22
CA PRO B 37 18.49 -20.87 37.42
CA VAL B 38 21.93 -19.29 37.11
CA ILE B 39 23.19 -22.37 35.28
CA VAL B 40 24.26 -20.65 32.07
CA ASN B 41 20.83 -19.07 31.59
CA THR B 42 19.13 -22.46 31.54
CA ASP B 43 21.62 -25.32 31.34
CA THR B 44 23.11 -23.89 28.14
CA LEU B 45 20.36 -25.45 26.03
CA GLU B 46 17.67 -22.87 25.30
CA ALA B 47 14.95 -25.50 24.91
CA PRO B 48 16.26 -28.37 22.78
CA GLY B 49 19.00 -26.01 21.60
CA TYR B 50 19.97 -26.88 18.03
CA VAL B 51 23.67 -26.22 18.57
CA ASN B 52 24.82 -23.79 15.87
CA GLY B 53 21.94 -24.72 13.58
CA THR B 54 21.58 -21.70 11.29
CA GLU B 55 19.52 -18.92 12.86
CA GLY B 56 17.84 -16.20 10.82
CA GLU B 57 20.23 -14.16 8.68
CA MET B 58 22.65 -14.19 11.61
CA GLU B 59 25.93 -12.27 11.88
CA TYR B 60 26.75 -10.53 15.17
CA GLU B 61 28.51 -7.14 15.06
CA GLU B 62 29.49 -4.59 17.72
CA ILE B 63 28.93 -0.82 17.50
CA THR B 64 30.73 1.61 19.82
CA LEU B 65 28.41 4.59 20.31
CA GLU B 66 29.02 7.70 22.39
CA ARG B 67 25.74 8.43 24.17
CA GLY B 68 25.52 12.11 23.29
CA ASN B 69 23.48 14.79 25.05
CA SER B 70 20.27 13.53 23.39
CA GLY B 71 21.35 9.90 23.81
CA LEU B 72 22.77 7.06 21.72
CA GLY B 73 20.94 8.00 18.49
CA PHE B 74 18.79 5.03 17.38
CA SER B 75 15.43 3.48 18.34
CA ILE B 76 14.98 -0.27 18.73
CA ALA B 77 11.86 -2.42 18.67
CA GLY B 78 11.42 -6.13 19.39
CA GLY B 79 11.82 -6.66 23.13
CA THR B 80 9.70 -8.98 25.28
CA ASP B 81 7.15 -6.19 25.92
CA ASN B 82 6.99 -4.87 22.35
CA PRO B 83 7.28 -7.73 19.80
CA HIS B 84 8.33 -5.51 16.87
CA ILE B 85 8.99 -8.80 15.07
CA GLY B 86 6.38 -11.50 14.37
CA ASP B 87 5.90 -12.45 18.03
CA ASP B 88 9.17 -12.85 19.95
CA PRO B 89 11.46 -11.04 22.45
CA SER B 90 14.05 -10.56 19.67
CA ILE B 91 15.19 -6.95 20.12
CA PHE B 92 15.95 -5.26 16.77
CA ILE B 93 16.33 -1.71 15.64
CA THR B 94 13.66 0.21 13.76
CA LYS B 95 15.31 3.56 12.95
CA ILE B 96 18.45 5.55 13.73
CA ILE B 97 17.95 9.25 14.39
CA PRO B 98 20.11 11.52 12.16
CA GLY B 99 22.42 13.83 14.08
CA GLY B 100 22.78 11.46 17.02
CA ALA B 101 25.75 9.39 18.18
CA ALA B 102 24.43 6.47 16.10
CA ALA B 103 23.75 8.45 12.91
CA GLN B 104 26.99 10.43 13.35
CA ASP B 105 29.08 7.30 13.90
CA GLY B 106 27.64 5.19 11.10
CA ARG B 107 28.49 1.80 12.61
CA LEU B 108 25.00 0.53 13.41
CA ARG B 109 22.13 -0.19 11.01
CA VAL B 110 18.35 -0.31 11.48
CA ASN B 111 16.58 -3.67 11.85
CA ASP B 112 19.67 -5.05 13.63
CA SER B 113 18.62 -7.42 16.42
CA ILE B 114 20.45 -6.26 19.57
CA LEU B 115 22.45 -8.97 21.34
CA PHE B 116 24.30 -7.12 24.12
CA VAL B 117 24.71 -3.61 25.52
CA ASN B 118 28.18 -2.99 27.02
CA GLU B 119 27.71 -5.95 29.41
CA VAL B 120 23.94 -6.60 29.24
CA ASP B 121 22.14 -9.48 27.51
CA VAL B 122 18.83 -8.66 25.80
CA ARG B 123 17.93 -12.28 24.98
CA GLU B 124 14.75 -12.17 27.07
CA VAL B 125 14.33 -8.49 28.00
CA THR B 126 11.48 -6.10 27.20
CA HIS B 127 11.75 -3.54 24.40
CA SER B 128 12.05 -0.90 27.13
CA ALA B 129 14.78 -2.90 28.89
CA ALA B 130 16.72 -2.99 25.61
CA VAL B 131 16.12 0.71 25.06
CA GLU B 132 17.12 1.37 28.65
CA ALA B 133 20.27 -0.66 27.90
CA LEU B 134 21.31 1.87 25.26
CA LYS B 135 20.55 4.60 27.83
CA GLU B 136 22.41 2.70 30.57
CA ALA B 137 25.43 2.07 28.34
CA GLY B 138 27.17 5.09 29.92
CA SER B 139 28.53 7.03 26.98
CA ILE B 140 30.59 5.27 24.30
CA VAL B 141 29.13 1.76 24.45
CA ARG B 142 29.85 -1.19 22.17
CA LEU B 143 26.39 -2.48 21.26
CA TYR B 144 25.96 -5.95 19.76
CA VAL B 145 23.39 -6.71 17.05
CA MET B 146 22.25 -9.52 14.73
CA ARG B 147 22.00 -9.35 10.93
CA ARG B 148 20.88 -12.34 8.84
CA LYS B 149 17.82 -12.77 6.63
CA PRO B 150 17.94 -15.32 3.81
CA PRO B 151 20.28 -14.76 0.87
CA ALA B 152 23.44 -15.35 2.90
CA GLU B 153 25.25 -16.21 -0.33
CA LYS B 154 28.96 -17.02 -0.39
CA VAL B 155 30.61 -14.40 1.82
CA MET B 156 34.39 -14.55 2.13
CA GLU B 157 36.97 -12.09 3.46
CA ILE B 158 40.20 -11.16 1.68
CA LYS B 159 43.23 -10.60 3.91
CA LEU B 160 46.01 -8.40 2.55
CA ILE B 161 48.72 -6.47 4.38
CA LYS B 162 49.14 -2.72 3.94
CA GLY B 163 52.01 -2.77 1.45
CA PRO B 164 54.82 -0.17 1.88
CA LYS B 165 53.27 1.65 -1.08
CA GLY B 166 49.71 1.43 0.25
CA LEU B 167 47.01 -1.21 -0.10
CA GLY B 168 48.33 -2.44 -3.43
CA PHE B 169 45.22 -2.02 -5.56
CA SER B 170 42.34 0.26 -6.55
CA ILE B 171 38.59 0.42 -5.92
CA ALA B 172 35.53 1.42 -7.91
CA GLY B 173 32.47 3.21 -6.57
CA GLY B 174 28.94 2.46 -7.59
CA VAL B 175 27.36 5.48 -5.90
CA GLY B 176 27.82 8.85 -7.63
CA ASN B 177 30.77 7.69 -9.69
CA GLN B 178 29.26 4.40 -10.77
CA HIS B 179 32.12 2.37 -12.19
CA ILE B 180 30.05 -0.82 -12.27
CA PRO B 181 27.04 -0.72 -14.69
CA GLY B 182 24.37 -1.82 -12.23
CA ASP B 183 26.08 -1.91 -8.82
CA ASN B 184 25.98 0.75 -6.11
CA SER B 185 28.65 -1.02 -4.03
CA ILE B 186 32.45 -1.30 -4.17
CA TYR B 187 34.27 -3.25 -6.85
CA VAL B 188 37.98 -3.65 -7.47
CA THR B 189 39.28 -2.10 -10.71
CA LYS B 190 43.09 -2.31 -10.44
CA ILE B 191 45.62 -4.57 -8.74
CA ILE B 192 49.32 -3.82 -8.31
CA GLU B 193 51.31 -6.69 -9.86
CA GLY B 194 52.17 -8.82 -6.84
CA GLY B 195 52.16 -5.64 -4.77
CA ALA B 196 50.24 -6.25 -1.56
CA ALA B 197 46.54 -6.72 -2.27
CA HIS B 198 47.17 -9.00 -5.26
CA LYS B 199 49.64 -11.36 -3.55
CA ASP B 200 48.28 -11.13 0.01
CA GLY B 201 44.64 -10.44 -0.77
CA ARG B 202 44.52 -12.57 -3.91
CA LEU B 203 41.80 -10.19 -5.13
CA GLN B 204 41.36 -9.32 -8.80
CA ILE B 205 39.36 -6.80 -10.81
CA GLY B 206 35.72 -7.80 -10.39
CA ASP B 207 35.38 -8.61 -6.68
CA LYS B 208 32.68 -6.77 -4.73
CA ILE B 209 33.68 -5.27 -1.38
CA LEU B 210 31.29 -4.51 1.48
CA ALA B 211 33.87 -3.76 4.22
CA VAL B 212 37.56 -3.13 4.82
CA ASN B 213 39.30 -4.09 8.07
CA SER B 214 36.54 -2.63 10.29
CA VAL B 215 35.13 0.16 8.09
CA GLY B 216 31.93 0.01 6.08
CA LEU B 217 32.34 1.65 2.69
CA GLU B 218 28.98 0.40 1.48
CA ASP B 219 26.12 2.32 -0.09
CA VAL B 220 28.68 5.06 -0.66
CA MET B 221 30.69 6.53 -3.54
CA HIS B 222 34.17 5.61 -4.71
CA GLU B 223 35.66 8.54 -2.75
CA ASP B 224 34.26 7.59 0.66
CA ALA B 225 35.39 4.02 0.08
CA VAL B 226 38.92 5.25 -0.57
CA ALA B 227 38.87 6.87 2.85
CA ALA B 228 37.58 3.58 4.24
CA LEU B 229 40.66 1.78 2.94
CA LYS B 230 43.03 4.45 4.26
CA ASN B 231 41.46 4.01 7.69
CA THR B 232 42.89 0.47 7.69
CA TYR B 233 46.25 -0.46 9.23
CA ASP B 234 48.98 -3.17 9.05
CA VAL B 235 46.79 -6.08 7.97
CA VAL B 236 43.75 -5.14 5.90
CA TYR B 237 40.97 -7.68 5.58
CA LEU B 238 38.11 -6.93 3.22
CA LYS B 239 34.70 -8.58 3.18
CA VAL B 240 33.61 -9.82 -0.24
CA ALA B 241 30.56 -11.80 -1.38
CA LYS B 242 30.70 -14.16 -4.36
CA PRO B 243 27.37 -14.16 -6.30
CA SER B 244 26.49 -17.70 -7.42
CA ASN B 245 29.15 -20.10 -8.69
CA ALA B 246 29.24 -20.20 -12.49
CA TYR B 247 27.02 -22.09 -14.93
CA LEU B 248 26.18 -24.86 -12.46
CA SER B 249 28.05 -27.89 -11.15
CA ASP B 250 28.09 -26.56 -7.59
CA SER B 251 25.63 -27.57 -4.88
CA TYR B 252 25.95 -23.95 -3.79
CA ALA B 253 25.22 -20.49 -5.16
CA PRO B 254 23.56 -19.88 -8.52
CA PRO B 255 25.82 -18.76 -11.36
CA ASP B 256 27.06 -15.35 -10.22
CA ILE B 257 30.55 -16.25 -11.42
CA THR B 258 33.08 -14.17 -13.37
CA THR B 259 34.23 -17.36 -15.10
CA SER B 260 34.85 -15.42 -18.31
CA TYR B 261 36.00 -11.96 -17.25
CA SER B 262 39.75 -11.67 -16.74
CA GLN B 263 41.35 -14.81 -15.29
CA HIS B 264 41.05 -14.03 -11.58
CA LEU B 265 41.94 -16.67 -8.99
CA ASP B 266 42.93 -16.63 -5.33
CA ASN B 267 41.64 -19.90 -3.88
CA GLU B 268 43.88 -21.07 -1.03
CA ILE B 269 42.05 -21.37 2.28
CA SER B 270 39.67 -24.05 3.55
CA HIS B 271 36.38 -22.70 2.22
CA SER B 272 33.96 -22.91 5.14
CA SER B 273 30.84 -20.77 4.91
CA TYR B 274 27.87 -23.06 5.56
CA LEU B 275 24.88 -22.01 7.64
CA GLY B 276 25.91 -24.70 10.11
CA THR B 277 29.63 -24.97 10.81
CA ASP B 278 28.98 -28.19 12.72
CA TYR B 279 26.25 -30.48 11.39
CA PRO B 280 23.90 -28.18 13.27
CA THR B 281 20.40 -28.59 11.85
CA ALA B 282 18.02 -25.62 11.86
CA MET B 283 16.46 -26.40 8.47
CA THR B 284 13.04 -24.81 8.99
CA PRO B 285 12.26 -21.69 11.02
CA THR B 286 9.18 -23.61 12.16
CA SER B 287 7.00 -21.04 10.40
CA PRO B 288 3.74 -22.80 11.23
CA ARG B 289 5.07 -26.18 10.12
CA ARG B 290 6.23 -26.49 6.51
CA TYR B 291 6.31 -27.60 2.88
CA SER B 292 5.09 -25.43 0.01
CA PRO B 293 7.21 -24.97 -3.11
CA VAL B 294 9.55 -27.87 -3.88
CA ALA B 295 8.33 -31.38 -4.68
CA LYS B 296 7.84 -33.59 -7.73
CA ASP B 297 4.16 -33.79 -6.80
CA LEU B 298 3.15 -30.27 -5.79
CA LEU B 299 6.34 -28.37 -5.00
CA GLY B 300 5.14 -30.23 -1.94
CA GLU B 301 8.34 -29.81 0.01
CA GLU B 302 8.62 -26.04 -0.56
CA ASP B 303 7.49 -24.02 2.43
CA ILE B 304 4.04 -22.40 2.08
CA PRO B 305 4.59 -18.58 2.33
CA ARG B 306 3.47 -17.06 5.67
CA GLU B 307 3.52 -13.37 4.67
CA PRO B 308 0.22 -11.53 4.07
CA ARG B 309 -1.10 -11.47 0.49
CA ARG B 310 -3.69 -9.54 -1.47
CA ILE B 311 -6.24 -11.58 -3.41
CA VAL B 312 -8.82 -9.96 -5.72
CA ILE B 313 -11.85 -12.04 -6.64
CA HIS B 314 -14.40 -10.76 -9.17
CA ARG B 315 -17.56 -12.74 -8.48
CA GLY B 316 -20.44 -10.53 -9.68
CA SER B 317 -23.53 -11.54 -7.69
CA THR B 318 -22.48 -15.16 -7.00
CA GLY B 319 -21.00 -16.74 -3.92
CA LEU B 320 -17.29 -16.67 -3.20
CA GLY B 321 -17.18 -20.43 -2.93
CA PHE B 322 -15.50 -21.01 0.45
CA ASN B 323 -16.50 -21.61 4.03
CA ILE B 324 -15.14 -19.99 7.21
CA VAL B 325 -14.59 -21.13 10.79
CA GLY B 326 -13.68 -19.05 13.84
CA GLY B 327 -14.86 -15.69 15.12
CA GLU B 328 -15.24 -16.54 18.80
CA ASP B 329 -13.59 -14.05 21.15
CA GLY B 330 -11.21 -12.67 18.54
CA GLU B 331 -9.69 -16.08 17.57
CA GLY B 332 -9.70 -15.01 13.91
CA ILE B 333 -11.65 -16.01 10.76
CA PHE B 334 -10.17 -18.96 8.77
CA ILE B 335 -10.89 -20.57 5.44
CA SER B 336 -11.90 -24.19 6.10
CA PHE B 337 -13.17 -25.43 2.71
CA ILE B 338 -12.86 -24.20 -0.82
CA LEU B 339 -15.45 -25.36 -3.34
CA ALA B 340 -14.06 -26.94 -6.52
CA GLY B 341 -14.91 -24.65 -9.44
CA GLY B 342 -16.04 -21.68 -7.36
CA PRO B 343 -14.60 -18.17 -7.57
CA ALA B 344 -12.16 -18.70 -4.66
CA ASP B 345 -10.85 -21.89 -6.35
CA LEU B 346 -10.54 -20.13 -9.74
CA SER B 347 -8.40 -17.41 -8.08
CA GLY B 348 -5.74 -20.00 -7.30
CA GLU B 349 -4.60 -17.78 -4.43
CA LEU B 350 -6.48 -19.00 -1.29
CA ARG B 351 -6.14 -22.22 0.67
CA LYS B 352 -7.54 -23.96 3.77
CA GLY B 353 -5.85 -22.51 6.81
CA ASP B 354 -5.62 -18.99 5.51
CA GLN B 355 -6.74 -16.31 7.98
CA ILE B 356 -8.86 -13.55 6.43
CA LEU B 357 -7.25 -10.34 7.78
CA SER B 358 -9.56 -7.96 5.87
CA VAL B 359 -12.21 -7.70 3.14
CA ASN B 360 -12.40 -4.47 1.11
CA GLY B 361 -10.30 -2.73 3.76
CA VAL B 362 -12.55 -3.87 6.59
CA ASP B 363 -10.36 -5.45 9.32
CA LEU B 364 -11.66 -8.91 10.28
CA ARG B 365 -8.85 -10.02 12.60
CA ASN B 366 -11.19 -9.64 15.55
CA ALA B 367 -14.52 -10.16 13.84
CA SER B 368 -17.35 -12.31 15.06
CA HIS B 369 -18.35 -15.29 12.87
CA GLU B 370 -21.67 -13.78 11.76
CA GLN B 371 -20.36 -10.26 11.06
CA ALA B 372 -17.46 -11.81 9.04
CA ALA B 373 -19.95 -13.78 6.98
CA ILE B 374 -22.05 -10.61 6.45
CA ALA B 375 -18.97 -8.63 5.44
CA LEU B 376 -18.03 -11.26 2.89
CA LYS B 377 -21.51 -11.70 1.42
CA ASN B 378 -22.04 -7.93 1.20
CA ALA B 379 -18.61 -6.97 0.01
CA GLY B 380 -19.83 -6.33 -3.56
CA GLN B 381 -18.90 -7.67 -6.92
CA THR B 382 -15.14 -7.19 -6.56
CA VAL B 383 -13.81 -8.62 -3.31
CA THR B 384 -10.29 -7.68 -2.16
CA ILE B 385 -9.10 -10.05 0.57
CA ILE B 386 -5.93 -9.75 2.59
CA ALA B 387 -5.09 -13.28 3.74
CA GLN B 388 -2.28 -14.85 5.78
CA TYR B 389 -1.56 -18.51 6.11
CA LYS B 390 -1.84 -19.63 9.76
CA PRO B 391 -1.90 -23.42 9.79
CA GLU B 392 -1.13 -23.94 13.48
CA GLU B 393 -4.04 -21.79 14.54
CA TYR B 394 -6.28 -23.40 11.93
CA SER B 395 -5.28 -26.95 12.91
CA ARG B 396 -6.83 -26.43 16.37
CA PHE B 397 -10.31 -26.35 14.77
CA GLU B 398 -10.13 -29.53 12.63
CA ALA B 399 -10.06 -32.95 14.16
CA LYS B 400 -9.01 -29.32 13.76
CA ILE B 401 -10.17 -28.54 17.30
CA HIS B 402 -9.78 -24.81 16.70
CA ASP B 403 -12.31 -22.18 15.64
CA LEU B 404 -15.77 -20.96 16.58
CA ARG B 405 -17.53 -22.09 13.41
CA GLU B 406 -20.97 -20.95 12.26
CA GLN B 407 -23.05 -24.12 12.12
CA LEU B 408 -26.11 -22.13 11.07
CA MET B 409 -25.17 -21.45 7.45
CA ASN B 410 -21.80 -20.46 6.03
CA SER B 411 -23.04 -21.51 2.58
CA SER B 412 -24.67 -18.85 0.43
CA LEU B 413 -23.80 -16.16 -2.10
CA GLY B 414 -25.41 -17.24 -5.37
CA SER B 415 -22.49 -18.92 -7.11
CA GLY B 416 -22.21 -16.92 -10.34
CA THR B 417 -23.58 -19.31 -12.94
CA ALA B 418 -22.54 -22.38 -10.97
CA SER B 419 -18.83 -21.69 -11.44
CA LEU B 420 -19.09 -18.59 -13.62
CA ARG B 421 -16.70 -19.65 -16.37
CA SER B 422 -14.58 -18.12 -19.13
CA ASN B 423 -11.13 -17.53 -20.60
CA PRO B 424 -10.46 -20.99 -22.04
CA LYS B 425 -8.08 -18.55 -20.37
CA ARG B 426 -9.32 -15.99 -22.90
CA GLY B 427 -11.46 -18.81 -24.25
CA PHE B 428 -13.09 -15.68 -22.85
CA TYR B 429 -13.07 -11.89 -23.04
CA ILE B 430 -11.85 -9.16 -20.73
CA ARG B 431 -11.55 -5.39 -20.98
CA ALA B 432 -8.33 -3.62 -20.00
CA LEU B 433 -8.67 -0.97 -17.29
CA PHE B 434 -5.14 0.39 -17.65
CA ASP B 435 -2.52 1.03 -20.35
CA TYR B 436 0.24 -1.55 -20.84
CA ASP B 437 3.39 -1.51 -22.97
CA LYS B 438 6.42 -3.29 -21.52
CA THR B 439 8.69 -2.54 -24.46
CA LYS B 440 7.96 1.19 -24.35
CA ASP B 441 8.38 1.14 -20.58
CA CYS B 442 11.73 -0.63 -20.22
CA GLY B 443 12.89 -1.57 -23.72
CA PHE B 444 12.33 -5.28 -23.12
CA LEU B 445 11.29 -7.17 -26.26
CA SER B 446 9.02 -10.16 -25.81
CA GLN B 447 5.74 -11.76 -26.82
CA ALA B 448 3.92 -9.55 -24.30
CA LEU B 449 1.00 -7.71 -25.93
CA SER B 450 0.58 -3.98 -25.54
CA PHE B 451 -2.85 -2.45 -24.98
CA ARG B 452 -4.62 0.65 -23.75
CA PHE B 453 -7.52 1.40 -21.46
CA GLY B 454 -10.78 0.09 -22.86
CA ASP B 455 -9.31 -2.53 -25.18
CA VAL B 456 -11.27 -5.78 -25.26
CA LEU B 457 -8.94 -8.78 -25.16
CA HIS B 458 -9.70 -12.32 -26.26
CA VAL B 459 -8.00 -14.57 -23.71
CA ILE B 460 -7.07 -17.91 -25.26
CA ASP B 461 -5.37 -19.49 -22.25
CA ALA B 462 -5.40 -18.26 -18.67
CA GLY B 463 -4.21 -21.41 -16.94
CA ASP B 464 -0.99 -19.82 -15.76
CA GLU B 465 -1.25 -17.56 -12.71
CA GLU B 466 1.14 -14.92 -14.07
CA TRP B 467 0.85 -14.68 -17.86
CA TRP B 468 -2.21 -15.23 -20.04
CA GLN B 469 -2.27 -15.85 -23.79
CA ALA B 470 -4.46 -13.30 -25.56
CA ARG B 471 -5.08 -11.16 -28.64
CA ARG B 472 -6.66 -7.74 -28.99
CA VAL B 473 -10.19 -7.63 -30.39
CA HIS B 474 -10.17 -5.14 -33.27
CA SER B 475 -13.25 -3.34 -34.57
CA ASP B 476 -13.03 -5.74 -37.52
CA SER B 477 -10.24 -8.35 -37.44
CA GLU B 478 -10.02 -10.09 -34.05
CA THR B 479 -7.06 -12.12 -35.31
CA ASP B 480 -3.79 -10.19 -35.50
CA ASP B 481 -1.15 -11.31 -33.00
CA ILE B 482 -1.43 -13.75 -30.11
CA GLY B 483 0.67 -12.49 -27.24
CA PHE B 484 0.84 -12.51 -23.46
CA ILE B 485 -0.68 -10.21 -20.88
CA PRO B 486 0.05 -9.99 -17.15
CA SER B 487 -2.56 -11.72 -14.98
CA LYS B 488 -4.78 -9.83 -12.54
CA ARG B 489 -2.61 -11.31 -9.76
CA ARG B 490 0.60 -10.02 -11.37
CA VAL B 491 -0.82 -6.54 -11.96
CA GLU B 492 -1.99 -6.31 -8.36
CA ARG B 493 1.32 -7.54 -6.94
CA ARG B 494 3.24 -4.93 -8.94
CA GLU B 495 0.95 -2.06 -7.90
CA TRP B 496 0.95 -2.95 -4.19
CA SER B 497 4.76 -3.14 -4.33
CA ARG B 498 4.89 0.64 -4.73
CA LEU B 499 4.79 3.40 -2.08
CA LYS B 500 3.62 2.48 1.44
CA TRP B 504 5.16 6.81 10.25
CA GLY B 505 4.19 9.45 7.71
CA SER B 506 2.00 11.77 9.76
CA SER B 507 -0.29 8.83 10.59
CA SER B 508 -3.27 10.04 12.61
CA GLY B 509 -3.98 6.43 13.52
CA SER B 510 -7.06 6.23 11.32
CA GLN B 511 -7.41 3.84 8.37
CA GLY B 512 -6.52 5.16 4.94
CA ARG B 513 -8.54 4.76 1.74
CA GLU B 514 -9.05 1.10 0.81
CA ASP B 515 -6.39 -0.25 -1.56
CA SER B 516 -7.96 -0.84 -4.97
CA VAL B 517 -6.09 -2.05 -8.02
CA LEU B 518 -7.75 -1.96 -11.42
CA SER B 519 -6.58 -4.58 -13.90
CA TYR B 520 -9.28 -6.18 -16.04
CA GLU B 521 -13.04 -6.67 -16.17
CA THR B 522 -14.64 -9.73 -17.74
CA VAL B 523 -17.01 -8.81 -20.56
CA THR B 524 -19.41 -10.42 -23.00
CA GLN B 525 -20.88 -9.33 -26.31
CA MET B 526 -24.61 -8.71 -26.55
CA GLU B 527 -26.99 -7.23 -29.11
CA VAL B 528 -28.90 -4.08 -28.22
CA HIS B 529 -31.95 -2.63 -29.94
CA TYR B 530 -31.81 0.82 -28.32
CA ALA B 531 -29.52 3.81 -28.81
CA ARG B 532 -27.02 3.93 -25.95
CA PRO B 533 -27.26 6.98 -23.71
CA ILE B 534 -24.15 9.16 -23.66
CA ILE B 535 -22.25 10.54 -20.66
CA ILE B 536 -19.32 12.82 -21.51
CA LEU B 537 -17.09 13.72 -18.55
CA GLY B 538 -14.10 15.98 -17.92
CA PRO B 539 -13.17 19.48 -19.17
CA THR B 540 -15.13 20.81 -22.19
CA LYS B 541 -17.84 18.19 -21.76
CA ASP B 542 -20.51 20.91 -22.01
CA ARG B 543 -19.21 22.13 -25.37
CA ALA B 544 -19.03 18.56 -26.65
CA ASN B 545 -22.61 17.95 -25.50
CA ASP B 546 -23.91 21.15 -27.11
CA ASP B 547 -22.06 20.54 -30.37
CA LEU B 548 -23.29 16.95 -30.75
CA LEU B 549 -26.87 18.04 -30.02
CA SER B 550 -26.61 20.90 -32.48
CA GLU B 551 -24.67 19.10 -35.22
CA PHE B 552 -26.67 15.83 -35.32
CA PRO B 553 -30.26 16.59 -34.18
CA ASP B 554 -31.61 13.31 -35.53
CA LYS B 555 -28.99 11.27 -33.67
CA PHE B 556 -28.77 13.00 -30.29
CA GLY B 557 -31.28 14.47 -27.88
CA SER B 558 -31.84 15.26 -24.21
CA CYS B 559 -34.43 13.73 -21.90
CA VAL B 560 -37.11 15.55 -19.92
CA PRO B 561 -36.17 15.98 -16.23
CA HIS B 562 -38.53 15.93 -13.25
CA THR B 563 -38.86 18.72 -10.69
CA THR B 564 -41.05 19.51 -7.69
CA ARG B 565 -40.71 23.21 -8.47
CA PRO B 566 -44.08 24.71 -9.41
CA LYS B 567 -44.65 25.15 -13.15
CA ARG B 568 -44.12 28.71 -14.34
CA GLU B 569 -46.48 30.52 -16.71
CA TYR B 570 -44.26 30.10 -19.77
CA GLU B 571 -43.31 26.47 -19.10
CA ILE B 572 -44.92 23.34 -20.53
CA ASP B 573 -45.45 20.20 -18.45
CA GLY B 574 -43.87 17.25 -20.24
CA ARG B 575 -41.51 19.42 -22.28
CA ASP B 576 -39.52 21.79 -20.05
CA TYR B 577 -39.94 19.43 -17.09
CA HIS B 578 -42.28 16.74 -15.81
CA PHE B 579 -43.68 18.77 -12.94
CA VAL B 580 -44.36 16.65 -9.86
CA SER B 581 -47.10 18.04 -7.60
CA SER B 582 -46.07 15.95 -4.59
CA ARG B 583 -42.52 16.35 -3.30
CA GLU B 584 -43.25 13.42 -1.02
CA LYS B 585 -43.81 11.14 -4.01
CA MET B 586 -40.60 12.17 -5.76
CA GLU B 587 -38.60 11.62 -2.57
CA LYS B 588 -40.12 8.14 -2.47
CA ASP B 589 -39.35 7.53 -6.14
CA ILE B 590 -35.76 8.65 -5.53
CA ARG B 591 -35.41 6.25 -2.58
CA ALA B 592 -36.86 3.57 -4.87
CA HIS B 593 -33.97 4.45 -7.21
CA LYS B 594 -36.27 5.56 -10.05
CA PHE B 595 -33.80 8.30 -11.00
CA ILE B 596 -30.30 7.72 -12.38
CA GLU B 597 -29.44 11.03 -10.72
CA ALA B 598 -31.20 13.65 -8.62
CA GLY B 599 -30.51 16.64 -6.40
CA GLN B 600 -31.90 19.74 -4.73
CA TYR B 601 -31.74 23.35 -5.91
CA ASN B 602 -33.46 26.40 -4.41
CA SER B 603 -35.26 24.02 -2.05
CA HIS B 604 -36.79 22.02 -4.90
CA LEU B 605 -35.97 18.53 -6.17
CA TYR B 606 -34.75 17.78 -9.70
CA GLY B 607 -33.88 14.51 -11.35
CA THR B 608 -33.28 12.49 -14.51
CA SER B 609 -35.54 9.43 -14.43
CA VAL B 610 -34.65 6.01 -15.76
CA GLN B 611 -37.93 6.11 -17.70
CA SER B 612 -37.19 9.48 -19.35
CA VAL B 613 -33.83 8.18 -20.56
CA ARG B 614 -35.39 4.93 -21.76
CA GLU B 615 -37.99 6.75 -23.83
CA VAL B 616 -35.27 8.55 -25.79
CA ALA B 617 -33.15 5.40 -26.07
CA GLU B 618 -35.96 3.19 -27.39
CA GLN B 619 -36.81 5.74 -30.09
CA GLY B 620 -33.31 5.21 -31.50
CA LYS B 621 -31.78 8.49 -30.33
CA HIS B 622 -28.63 8.76 -28.21
CA CYS B 623 -29.59 10.56 -25.01
CA ILE B 624 -26.96 13.16 -24.11
CA LEU B 625 -26.86 13.08 -20.32
CA ASP B 626 -25.55 15.85 -18.09
CA VAL B 627 -24.94 13.55 -15.11
CA SER B 628 -21.94 12.32 -13.09
CA ALA B 629 -20.13 9.02 -13.58
CA ASN B 630 -22.20 7.79 -10.61
CA ALA B 631 -25.10 7.25 -13.04
CA VAL B 632 -23.34 4.54 -15.05
CA ARG B 633 -24.07 1.71 -12.60
CA ARG B 634 -27.78 2.59 -12.41
CA LEU B 635 -28.07 2.79 -16.19
CA GLN B 636 -26.34 -0.60 -16.50
CA ALA B 637 -28.84 -2.01 -14.00
CA ALA B 638 -31.66 -0.57 -16.12
CA HIS B 639 -30.28 -2.31 -19.21
CA LEU B 640 -29.49 1.04 -20.87
CA HIS B 641 -25.72 0.63 -21.12
CA PRO B 642 -24.25 4.12 -21.62
CA ILE B 643 -21.21 5.20 -23.57
CA ALA B 644 -19.28 7.03 -20.86
CA ILE B 645 -16.37 9.02 -22.27
CA PHE B 646 -13.82 10.72 -20.06
CA ILE B 647 -11.97 13.66 -21.62
CA ARG B 648 -8.63 13.46 -19.83
CA PRO B 649 -6.45 16.58 -19.59
CA ARG B 650 -2.75 15.67 -19.77
CA SER B 651 -1.67 18.64 -17.67
CA LEU B 652 -2.75 22.05 -16.47
CA GLU B 653 -1.36 23.55 -19.68
CA ASN B 654 -3.27 21.00 -21.78
CA VAL B 655 -6.48 22.23 -20.17
CA LEU B 656 -5.73 25.73 -21.47
CA GLU B 657 -5.11 24.20 -24.91
CA ILE B 658 -8.56 22.59 -25.13
CA ASN B 659 -10.52 25.25 -23.22
CA LYS B 660 -9.13 28.70 -24.04
CA ARG B 661 -12.26 30.44 -22.74
CA ILE B 662 -11.50 30.09 -19.03
CA THR B 663 -9.08 31.69 -16.59
CA GLU B 664 -5.94 29.81 -15.51
CA GLU B 665 -7.42 29.86 -12.01
CA GLN B 666 -10.49 27.80 -12.89
CA ALA B 667 -8.17 25.76 -15.12
CA ARG B 668 -6.40 24.57 -11.98
CA LYS B 669 -9.72 23.49 -10.49
CA ALA B 670 -10.73 21.74 -13.72
CA PHE B 671 -7.46 19.78 -13.82
CA ASP B 672 -7.80 18.75 -10.17
CA ARG B 673 -11.45 17.84 -10.53
CA ALA B 674 -10.44 15.71 -13.53
CA THR B 675 -7.64 13.99 -11.64
CA LYS B 676 -10.06 13.14 -8.82
CA LEU B 677 -12.74 11.97 -11.25
CA GLU B 678 -10.33 9.54 -12.92
CA GLN B 679 -9.11 8.27 -9.55
CA GLU B 680 -12.64 7.42 -8.41
CA PHE B 681 -14.50 6.36 -11.56
CA THR B 682 -12.04 4.86 -14.07
CA GLU B 683 -13.79 1.47 -14.05
CA CYS B 684 -17.04 3.17 -15.17
CA PHE B 685 -15.50 4.77 -18.27
CA SER B 686 -16.20 3.22 -21.67
CA ALA B 687 -13.28 5.17 -23.09
CA ILE B 688 -10.79 7.92 -22.32
CA VAL B 689 -9.88 10.51 -24.94
CA GLU B 690 -7.05 13.06 -25.08
CA GLY B 691 -6.08 15.80 -27.52
CA ASP B 692 -4.08 18.98 -28.09
CA SER B 693 -7.24 20.89 -28.98
CA PHE B 694 -10.99 20.72 -28.51
CA GLU B 695 -11.27 19.97 -32.23
CA GLU B 696 -9.17 16.82 -31.70
CA ILE B 697 -11.22 15.83 -28.65
CA TYR B 698 -14.54 16.37 -30.45
CA HIS B 699 -13.32 14.25 -33.37
CA LYS B 700 -12.32 11.43 -31.02
CA VAL B 701 -15.60 11.63 -29.09
CA LYS B 702 -17.53 11.17 -32.32
CA ARG B 703 -15.36 8.17 -33.25
CA VAL B 704 -15.78 6.50 -29.85
CA ILE B 705 -19.56 6.87 -30.10
CA GLU B 706 -19.47 5.39 -33.61
CA ASP B 707 -17.33 2.47 -32.41
CA LEU B 708 -19.47 1.62 -29.38
CA SER B 709 -22.98 2.32 -30.68
CA GLY B 710 -23.67 -1.27 -31.70
CA PRO B 711 -25.74 -3.25 -32.61
CA TYR B 712 -23.25 -5.50 -30.80
CA ILE B 713 -21.62 -4.12 -27.66
CA TRP B 714 -19.50 -5.38 -24.77
CA VAL B 715 -20.97 -5.38 -21.29
CA PRO B 716 -19.72 -6.72 -17.95
CA ALA B 717 -19.92 -10.51 -17.66
CA ARG B 718 -20.67 -12.68 -14.65
CA GLU B 719 -17.42 -14.69 -14.97
CA ARG B 720 -14.83 -13.80 -12.32
CA LEU B 721 -11.06 -13.76 -12.70
#